data_6SIT
#
_entry.id   6SIT
#
_cell.length_a   146.530
_cell.length_b   146.530
_cell.length_c   146.530
_cell.angle_alpha   90.000
_cell.angle_beta   90.000
_cell.angle_gamma   90.000
#
_symmetry.space_group_name_H-M   'I 21 3'
#
loop_
_entity.id
_entity.type
_entity.pdbx_description
1 polymer 'Fiber protein'
2 polymer Desmoglein-2
3 non-polymer 'CALCIUM ION'
#
loop_
_entity_poly.entity_id
_entity_poly.type
_entity_poly.pdbx_seq_one_letter_code
_entity_poly.pdbx_strand_id
1 'polypeptide(L)'
;KNNTLWTGPKPEANCIIEYGKQNPDSKLTLILVKNGGIVNGYVTLMGASDYVNTLFKNKNVSINVELYFDATGHILPDSS
SLKTDLELKYKQTADFSARGFMPSTTAYPFVLPNAGTHNENYIFGQCYYKASDGALFPLEVTVMLNKRLPDSRTSYVMTF
LWSLNAGLAPETTQATLITSPFTFSYIREDD
;
A
2 'polypeptide(L)'
;VLDINDNEPVFTQDVFVGSVEELSAAHTLVMKINATDADEPNTLNSKISYRIVSLEPAYPPVFYLNKDTGEIYTTSVTLD
REEHSSYTLTVEARDGNGEVTDKPVKQAQVQIRILDVNDNIPVVENKVLEGMVEENQVNVEVTRIKVFDADEIGSDNWLA
NFTFASGNEGGYFHIETDAQTNEGIVTLIKEVDYEEMKNLDFSVIVANKAAFHKSIRSKYKPTPIPIKVKVKNVKEGI
;
D
#
# COMPACT_ATOMS: atom_id res chain seq x y z
N LYS A 1 -24.53 21.31 -23.36
CA LYS A 1 -24.24 21.76 -24.77
C LYS A 1 -23.25 20.84 -25.40
N ASN A 2 -23.28 19.61 -24.98
CA ASN A 2 -22.18 18.80 -25.36
C ASN A 2 -21.21 19.18 -24.29
N ASN A 3 -21.79 19.62 -23.12
CA ASN A 3 -20.83 20.01 -22.06
C ASN A 3 -20.82 19.09 -20.85
N THR A 4 -21.55 18.02 -20.78
CA THR A 4 -21.53 17.05 -19.69
C THR A 4 -21.32 15.63 -20.20
N LEU A 5 -20.27 14.95 -19.74
CA LEU A 5 -19.95 13.58 -20.13
C LEU A 5 -20.00 12.73 -18.88
N TRP A 6 -20.81 11.69 -18.83
CA TRP A 6 -20.98 10.96 -17.57
C TRP A 6 -21.37 9.50 -17.66
N THR A 7 -21.49 8.86 -16.53
CA THR A 7 -21.95 7.49 -16.40
C THR A 7 -23.48 7.41 -16.30
N GLY A 8 -24.11 8.55 -16.11
CA GLY A 8 -25.50 8.65 -15.65
C GLY A 8 -25.44 8.91 -14.13
N PRO A 9 -26.57 9.34 -13.57
CA PRO A 9 -26.67 9.70 -12.17
C PRO A 9 -26.79 8.62 -11.13
N LYS A 10 -27.17 7.42 -11.54
CA LYS A 10 -27.32 6.28 -10.64
C LYS A 10 -27.12 5.01 -11.44
N PRO A 11 -25.90 4.83 -11.93
CA PRO A 11 -25.58 3.72 -12.79
C PRO A 11 -25.73 2.34 -12.17
N GLU A 12 -26.05 1.36 -13.05
CA GLU A 12 -26.03 -0.03 -12.56
C GLU A 12 -24.56 -0.45 -12.48
N ALA A 13 -24.26 -1.64 -11.97
CA ALA A 13 -22.86 -2.07 -11.86
C ALA A 13 -22.17 -1.98 -13.21
N ASN A 14 -21.07 -1.22 -13.27
CA ASN A 14 -20.41 -0.88 -14.52
C ASN A 14 -18.88 -0.93 -14.40
N CYS A 15 -18.38 -1.36 -13.27
CA CYS A 15 -16.94 -1.26 -13.00
C CYS A 15 -16.40 -2.46 -12.24
N ILE A 16 -15.20 -2.86 -12.62
CA ILE A 16 -14.57 -3.99 -11.95
C ILE A 16 -13.40 -3.59 -11.05
N ILE A 17 -13.51 -3.84 -9.77
CA ILE A 17 -12.45 -3.55 -8.80
C ILE A 17 -11.56 -4.75 -8.52
N GLU A 18 -12.19 -5.90 -8.33
CA GLU A 18 -11.45 -7.09 -7.98
C GLU A 18 -10.66 -7.67 -9.15
N TYR A 19 -9.50 -8.23 -8.83
CA TYR A 19 -8.61 -8.81 -9.83
C TYR A 19 -9.15 -10.10 -10.40
N GLY A 20 -8.91 -10.27 -11.70
CA GLY A 20 -9.34 -11.46 -12.41
C GLY A 20 -10.83 -11.55 -12.56
N LYS A 21 -11.56 -10.60 -11.97
CA LYS A 21 -13.01 -10.62 -12.06
C LYS A 21 -13.43 -10.28 -13.49
N GLN A 22 -14.43 -10.99 -14.02
CA GLN A 22 -14.83 -10.78 -15.39
C GLN A 22 -16.04 -9.87 -15.55
N ASN A 23 -16.84 -9.73 -14.49
CA ASN A 23 -18.05 -8.95 -14.54
C ASN A 23 -18.01 -7.85 -13.46
N PRO A 24 -18.73 -6.77 -13.72
CA PRO A 24 -18.76 -5.63 -12.79
C PRO A 24 -19.06 -5.97 -11.34
N ASP A 25 -18.38 -5.38 -10.38
CA ASP A 25 -18.60 -5.62 -8.95
C ASP A 25 -18.83 -4.30 -8.19
N SER A 26 -18.98 -3.25 -8.97
CA SER A 26 -19.11 -1.91 -8.39
C SER A 26 -19.77 -0.97 -9.35
N LYS A 27 -20.29 0.14 -8.77
CA LYS A 27 -20.99 1.16 -9.53
C LYS A 27 -20.17 2.48 -9.45
N LEU A 28 -19.56 2.81 -10.57
CA LEU A 28 -18.82 4.10 -10.57
C LEU A 28 -19.72 5.17 -11.13
N THR A 29 -19.82 6.28 -10.36
CA THR A 29 -20.52 7.46 -10.83
C THR A 29 -19.42 8.47 -11.21
N LEU A 30 -19.35 8.85 -12.47
CA LEU A 30 -18.30 9.83 -12.81
C LEU A 30 -18.95 10.86 -13.69
N ILE A 31 -18.83 12.15 -13.39
CA ILE A 31 -19.36 13.23 -14.18
C ILE A 31 -18.25 14.21 -14.53
N LEU A 32 -18.11 14.57 -15.78
CA LEU A 32 -17.08 15.48 -16.26
C LEU A 32 -17.79 16.63 -16.95
N VAL A 33 -17.69 17.86 -16.42
CA VAL A 33 -18.38 18.97 -17.02
C VAL A 33 -17.39 20.03 -17.49
N LYS A 34 -17.57 20.55 -18.70
CA LYS A 34 -16.65 21.58 -19.18
C LYS A 34 -16.96 22.90 -18.48
N ASN A 35 -15.91 23.66 -18.14
CA ASN A 35 -16.14 25.02 -17.61
C ASN A 35 -14.96 25.86 -18.10
N GLY A 36 -15.16 26.60 -19.19
CA GLY A 36 -14.01 27.32 -19.74
C GLY A 36 -12.92 26.33 -20.11
N GLY A 37 -11.67 26.64 -19.70
CA GLY A 37 -10.52 25.84 -19.98
C GLY A 37 -10.26 24.67 -19.02
N ILE A 38 -11.16 24.43 -18.07
CA ILE A 38 -11.04 23.30 -17.15
C ILE A 38 -12.25 22.36 -17.28
N VAL A 39 -12.04 21.15 -16.80
CA VAL A 39 -13.18 20.24 -16.56
C VAL A 39 -13.34 20.19 -15.04
N ASN A 40 -14.62 20.25 -14.62
CA ASN A 40 -14.97 20.01 -13.22
C ASN A 40 -15.49 18.57 -13.16
N GLY A 41 -14.93 17.77 -12.26
CA GLY A 41 -15.26 16.38 -12.09
C GLY A 41 -15.93 16.07 -10.78
N TYR A 42 -16.65 14.94 -10.74
CA TYR A 42 -17.34 14.46 -9.55
C TYR A 42 -17.31 12.93 -9.64
N VAL A 43 -16.84 12.29 -8.56
CA VAL A 43 -16.71 10.81 -8.67
C VAL A 43 -17.07 10.17 -7.34
N THR A 44 -17.79 9.02 -7.43
CA THR A 44 -18.11 8.25 -6.22
C THR A 44 -18.24 6.78 -6.67
N LEU A 45 -17.83 5.91 -5.75
CA LEU A 45 -17.88 4.45 -6.05
C LEU A 45 -18.75 3.81 -5.00
N MET A 46 -19.58 2.85 -5.46
CA MET A 46 -20.44 2.09 -4.55
C MET A 46 -20.19 0.57 -4.81
N GLY A 47 -20.01 -0.17 -3.75
CA GLY A 47 -19.67 -1.60 -3.92
C GLY A 47 -20.91 -2.39 -4.34
N ALA A 48 -20.67 -3.49 -5.07
CA ALA A 48 -21.83 -4.28 -5.54
C ALA A 48 -21.43 -5.76 -5.60
N SER A 49 -20.59 -6.18 -4.70
CA SER A 49 -20.13 -7.57 -4.59
C SER A 49 -19.73 -7.81 -3.16
N ASP A 50 -19.72 -9.07 -2.68
CA ASP A 50 -19.28 -9.29 -1.29
C ASP A 50 -17.82 -8.94 -1.07
N TYR A 51 -16.97 -9.17 -2.07
CA TYR A 51 -15.56 -8.82 -1.98
C TYR A 51 -15.45 -7.29 -1.77
N VAL A 52 -16.15 -6.54 -2.64
CA VAL A 52 -15.96 -5.07 -2.46
C VAL A 52 -16.51 -4.62 -1.13
N ASN A 53 -17.69 -5.15 -0.75
CA ASN A 53 -18.37 -4.81 0.47
C ASN A 53 -17.82 -5.41 1.74
N THR A 54 -16.68 -6.12 1.70
CA THR A 54 -15.99 -6.55 2.91
C THR A 54 -14.58 -5.99 2.92
N LEU A 55 -14.20 -5.13 1.94
CA LEU A 55 -12.85 -4.57 2.00
C LEU A 55 -12.58 -3.78 3.26
N PHE A 56 -13.57 -3.09 3.84
CA PHE A 56 -13.44 -2.26 5.02
C PHE A 56 -13.58 -3.02 6.35
N LYS A 57 -13.37 -4.34 6.26
CA LYS A 57 -13.20 -5.23 7.39
C LYS A 57 -11.67 -5.17 7.72
N ASN A 58 -10.83 -4.59 6.83
CA ASN A 58 -9.41 -4.40 7.10
C ASN A 58 -9.11 -2.93 7.37
N LYS A 59 -8.04 -2.64 8.09
CA LYS A 59 -7.71 -1.26 8.41
C LYS A 59 -6.86 -0.59 7.34
N ASN A 60 -6.26 -1.36 6.46
CA ASN A 60 -5.46 -0.79 5.34
C ASN A 60 -5.99 -1.24 3.98
N VAL A 61 -6.71 -0.34 3.33
CA VAL A 61 -7.30 -0.67 2.05
C VAL A 61 -6.90 0.21 0.89
N SER A 62 -6.92 -0.39 -0.29
CA SER A 62 -6.60 0.30 -1.52
C SER A 62 -7.52 -0.14 -2.64
N ILE A 63 -8.19 0.85 -3.20
CA ILE A 63 -9.14 0.70 -4.27
C ILE A 63 -8.66 1.49 -5.46
N ASN A 64 -8.41 0.77 -6.55
CA ASN A 64 -7.94 1.38 -7.78
C ASN A 64 -8.95 1.28 -8.89
N VAL A 65 -9.18 2.37 -9.59
CA VAL A 65 -10.04 2.44 -10.78
C VAL A 65 -9.22 3.03 -11.92
N GLU A 66 -9.10 2.37 -13.09
CA GLU A 66 -8.31 2.95 -14.16
C GLU A 66 -9.14 3.17 -15.38
N LEU A 67 -9.08 4.35 -15.99
CA LEU A 67 -9.85 4.67 -17.20
C LEU A 67 -8.88 5.02 -18.32
N TYR A 68 -8.98 4.26 -19.43
CA TYR A 68 -8.16 4.54 -20.60
C TYR A 68 -9.04 4.92 -21.76
N PHE A 69 -8.70 6.02 -22.44
CA PHE A 69 -9.55 6.56 -23.48
C PHE A 69 -8.82 6.59 -24.82
N ASP A 70 -9.61 6.46 -25.90
CA ASP A 70 -9.00 6.57 -27.22
C ASP A 70 -8.86 8.00 -27.64
N ALA A 71 -8.49 8.24 -28.91
CA ALA A 71 -8.20 9.58 -29.38
C ALA A 71 -9.38 10.52 -29.45
N THR A 72 -10.62 9.99 -29.43
CA THR A 72 -11.79 10.85 -29.44
C THR A 72 -12.48 10.77 -28.09
N GLY A 73 -11.72 10.40 -27.05
CA GLY A 73 -12.26 10.44 -25.70
C GLY A 73 -13.20 9.38 -25.25
N HIS A 74 -13.28 8.26 -25.98
CA HIS A 74 -14.12 7.16 -25.58
C HIS A 74 -13.34 6.09 -24.84
N ILE A 75 -14.00 5.49 -23.86
CA ILE A 75 -13.41 4.47 -23.02
C ILE A 75 -12.97 3.26 -23.86
N LEU A 76 -11.84 2.69 -23.49
CA LEU A 76 -11.33 1.44 -24.10
C LEU A 76 -11.66 0.44 -23.03
N PRO A 77 -12.77 -0.33 -23.13
CA PRO A 77 -13.24 -1.21 -22.08
C PRO A 77 -12.46 -2.44 -21.74
N ASP A 78 -11.64 -2.95 -22.67
CA ASP A 78 -10.88 -4.14 -22.35
C ASP A 78 -9.92 -3.93 -21.20
N SER A 79 -9.22 -2.79 -21.23
CA SER A 79 -8.19 -2.51 -20.26
C SER A 79 -8.66 -1.66 -19.07
N SER A 80 -9.75 -0.97 -19.31
CA SER A 80 -10.29 -0.07 -18.24
C SER A 80 -11.09 -0.78 -17.19
N SER A 81 -11.18 -0.23 -15.98
CA SER A 81 -12.01 -0.78 -14.90
C SER A 81 -13.49 -0.58 -15.26
N LEU A 82 -13.81 0.53 -15.89
CA LEU A 82 -15.17 0.88 -16.32
C LEU A 82 -15.48 0.17 -17.65
N LYS A 83 -16.55 -0.63 -17.62
CA LYS A 83 -16.82 -1.51 -18.79
C LYS A 83 -17.82 -0.98 -19.76
N THR A 84 -18.36 0.20 -19.49
CA THR A 84 -19.32 0.88 -20.36
C THR A 84 -18.84 2.28 -20.70
N ASP A 85 -18.97 2.72 -21.93
CA ASP A 85 -18.48 4.05 -22.28
C ASP A 85 -19.26 5.12 -21.51
N LEU A 86 -18.62 6.29 -21.40
CA LEU A 86 -19.37 7.44 -20.90
C LEU A 86 -20.28 7.95 -22.00
N GLU A 87 -21.30 8.70 -21.63
CA GLU A 87 -22.24 9.28 -22.61
C GLU A 87 -22.51 10.74 -22.36
N LEU A 88 -22.85 11.49 -23.42
CA LEU A 88 -23.22 12.88 -23.26
C LEU A 88 -24.59 12.93 -22.62
N LYS A 89 -24.82 13.91 -21.75
CA LYS A 89 -26.22 14.06 -21.25
C LYS A 89 -27.21 14.23 -22.40
N TYR A 90 -26.96 14.43 -23.69
CA TYR A 90 -27.75 14.53 -24.90
C TYR A 90 -27.24 13.73 -26.12
N LYS A 91 -27.99 12.82 -26.73
CA LYS A 91 -27.77 11.73 -27.59
C LYS A 91 -27.00 11.45 -28.80
N GLN A 92 -26.64 11.06 -29.88
CA GLN A 92 -25.46 10.66 -30.63
C GLN A 92 -25.68 10.85 -32.12
N THR A 93 -25.10 11.50 -33.14
CA THR A 93 -24.92 11.13 -34.46
C THR A 93 -23.40 10.75 -34.48
N ALA A 94 -23.10 9.48 -34.65
CA ALA A 94 -21.80 8.86 -34.71
C ALA A 94 -21.21 8.53 -33.33
N ASP A 95 -22.15 8.56 -32.41
CA ASP A 95 -21.87 8.70 -31.01
C ASP A 95 -21.05 9.98 -31.16
N PHE A 96 -19.84 10.25 -30.75
CA PHE A 96 -19.42 11.66 -30.76
C PHE A 96 -17.96 11.85 -30.40
N SER A 97 -17.45 13.07 -30.48
CA SER A 97 -16.06 13.29 -30.03
C SER A 97 -16.08 13.93 -28.63
N ALA A 98 -15.44 13.20 -27.74
CA ALA A 98 -15.36 13.65 -26.34
C ALA A 98 -13.92 14.09 -26.06
N ARG A 99 -13.10 14.42 -27.06
CA ARG A 99 -11.73 14.85 -26.80
C ARG A 99 -11.64 16.10 -25.90
N GLY A 100 -12.56 17.03 -26.01
CA GLY A 100 -12.51 18.25 -25.18
C GLY A 100 -12.79 17.96 -23.71
N PHE A 101 -13.18 16.76 -23.34
CA PHE A 101 -13.35 16.44 -21.92
C PHE A 101 -12.06 15.83 -21.36
N MET A 102 -11.06 15.54 -22.14
CA MET A 102 -9.91 14.76 -21.70
C MET A 102 -8.88 15.68 -21.01
N PRO A 103 -8.02 15.08 -20.17
CA PRO A 103 -6.96 15.84 -19.51
C PRO A 103 -5.97 16.27 -20.57
N SER A 104 -5.58 17.53 -20.52
CA SER A 104 -4.60 18.08 -21.46
C SER A 104 -3.29 17.32 -21.45
N THR A 105 -2.77 16.99 -22.67
CA THR A 105 -1.46 16.36 -22.70
C THR A 105 -0.35 17.36 -22.63
N THR A 106 -0.66 18.66 -22.72
CA THR A 106 0.32 19.71 -22.46
C THR A 106 0.51 19.92 -20.96
N ALA A 107 -0.63 20.08 -20.23
CA ALA A 107 -0.50 20.23 -18.80
C ALA A 107 -0.05 18.99 -18.06
N TYR A 108 -0.53 17.82 -18.57
CA TYR A 108 -0.28 16.52 -17.97
C TYR A 108 0.23 15.57 -19.05
N PRO A 109 1.52 15.70 -19.40
CA PRO A 109 2.02 14.92 -20.52
C PRO A 109 2.20 13.46 -20.15
N PHE A 110 2.42 12.66 -21.20
CA PHE A 110 2.88 11.27 -21.08
C PHE A 110 4.46 11.34 -20.95
N VAL A 111 5.07 10.57 -20.02
CA VAL A 111 6.55 10.65 -19.78
C VAL A 111 7.29 9.27 -19.61
N LEU A 112 8.62 9.26 -19.41
CA LEU A 112 9.44 8.02 -19.22
C LEU A 112 8.87 7.19 -18.11
N PRO A 113 8.67 5.85 -18.32
CA PRO A 113 8.12 4.98 -17.27
C PRO A 113 9.17 4.82 -16.14
N ASN A 114 9.73 5.97 -15.71
CA ASN A 114 10.71 6.03 -14.65
C ASN A 114 9.97 6.25 -13.31
N ALA A 115 10.45 5.57 -12.27
CA ALA A 115 9.75 5.69 -10.98
C ALA A 115 9.90 7.04 -10.30
N GLY A 116 8.75 7.46 -9.72
CA GLY A 116 8.68 8.65 -8.92
C GLY A 116 8.93 9.96 -9.58
N THR A 117 8.77 10.09 -10.89
CA THR A 117 8.99 11.28 -11.65
C THR A 117 7.60 11.90 -11.96
N HIS A 118 7.67 13.15 -12.35
CA HIS A 118 6.51 13.88 -12.84
C HIS A 118 5.34 13.79 -11.91
N ASN A 119 5.52 14.35 -10.68
CA ASN A 119 4.38 14.39 -9.76
C ASN A 119 3.40 15.55 -10.04
N GLU A 120 3.63 16.33 -11.11
CA GLU A 120 2.68 17.35 -11.60
C GLU A 120 1.52 16.67 -12.32
N ASN A 121 1.57 15.36 -12.55
CA ASN A 121 0.46 14.67 -13.19
C ASN A 121 -0.52 14.16 -12.16
N TYR A 122 -0.39 14.48 -10.86
CA TYR A 122 -1.34 13.96 -9.88
C TYR A 122 -2.16 15.07 -9.21
N ILE A 123 -3.40 14.73 -8.90
CA ILE A 123 -4.26 15.55 -8.03
C ILE A 123 -4.46 14.74 -6.75
N PHE A 124 -4.25 15.34 -5.59
CA PHE A 124 -4.48 14.69 -4.30
C PHE A 124 -5.59 15.40 -3.53
N GLY A 125 -6.37 14.56 -2.81
CA GLY A 125 -7.48 15.17 -2.02
C GLY A 125 -7.96 14.08 -1.03
N GLN A 126 -9.15 14.40 -0.51
CA GLN A 126 -9.73 13.49 0.48
C GLN A 126 -11.24 13.39 0.25
N CYS A 127 -11.74 12.20 0.53
CA CYS A 127 -13.20 12.05 0.67
C CYS A 127 -13.37 11.09 1.84
N TYR A 128 -14.62 10.57 2.08
CA TYR A 128 -14.86 9.91 3.38
C TYR A 128 -15.66 8.63 3.20
N TYR A 129 -15.57 7.77 4.21
CA TYR A 129 -16.39 6.56 4.27
C TYR A 129 -17.12 6.65 5.61
N LYS A 130 -18.46 6.60 5.57
CA LYS A 130 -19.23 6.63 6.84
C LYS A 130 -19.56 5.16 7.20
N ALA A 131 -18.98 4.72 8.30
CA ALA A 131 -19.16 3.31 8.71
C ALA A 131 -20.56 3.06 9.26
N SER A 132 -20.85 1.77 9.36
CA SER A 132 -22.19 1.34 9.79
C SER A 132 -22.45 1.79 11.21
N ASP A 133 -21.42 1.95 12.04
CA ASP A 133 -21.60 2.41 13.42
C ASP A 133 -21.59 3.93 13.40
N GLY A 134 -21.40 4.52 12.22
CA GLY A 134 -21.39 5.97 12.11
C GLY A 134 -20.04 6.67 12.11
N ALA A 135 -18.99 5.99 12.52
CA ALA A 135 -17.67 6.60 12.51
C ALA A 135 -17.37 7.09 11.07
N LEU A 136 -16.83 8.30 10.92
CA LEU A 136 -16.46 8.86 9.58
C LEU A 136 -14.94 8.76 9.32
N PHE A 137 -14.52 7.96 8.35
CA PHE A 137 -13.10 7.77 8.04
C PHE A 137 -12.67 8.51 6.81
N PRO A 138 -11.52 9.18 6.89
CA PRO A 138 -11.03 9.91 5.71
C PRO A 138 -10.45 8.92 4.74
N LEU A 139 -10.63 9.13 3.45
CA LEU A 139 -10.05 8.32 2.41
C LEU A 139 -9.13 9.23 1.60
N GLU A 140 -7.84 8.92 1.55
CA GLU A 140 -6.94 9.74 0.73
C GLU A 140 -7.16 9.39 -0.73
N VAL A 141 -7.36 10.36 -1.59
CA VAL A 141 -7.60 10.18 -3.02
C VAL A 141 -6.45 10.68 -3.86
N THR A 142 -6.07 9.83 -4.82
CA THR A 142 -5.07 10.25 -5.80
C THR A 142 -5.69 10.10 -7.17
N VAL A 143 -5.63 11.16 -7.97
CA VAL A 143 -6.06 11.04 -9.36
C VAL A 143 -4.80 11.21 -10.22
N MET A 144 -4.55 10.28 -11.12
CA MET A 144 -3.44 10.41 -12.05
C MET A 144 -3.97 10.77 -13.44
N LEU A 145 -3.41 11.79 -14.01
CA LEU A 145 -3.82 12.20 -15.38
C LEU A 145 -2.66 11.92 -16.36
N ASN A 146 -3.01 11.19 -17.42
CA ASN A 146 -2.03 10.80 -18.45
C ASN A 146 -0.82 10.15 -17.78
N LYS A 147 0.40 10.63 -18.03
CA LYS A 147 1.63 10.20 -17.37
C LYS A 147 2.13 8.87 -17.90
N ARG A 148 1.39 7.81 -17.68
CA ARG A 148 1.89 6.49 -18.07
C ARG A 148 0.95 5.89 -19.08
N LEU A 149 1.49 5.58 -20.26
CA LEU A 149 0.64 4.84 -21.20
C LEU A 149 0.59 3.35 -20.86
N PRO A 150 -0.57 2.72 -20.89
CA PRO A 150 -0.72 1.32 -20.57
C PRO A 150 -0.49 0.39 -21.75
N ASP A 151 -0.46 0.94 -22.97
CA ASP A 151 -0.37 0.18 -24.20
C ASP A 151 -0.36 1.11 -25.39
N SER A 152 -0.29 0.58 -26.62
CA SER A 152 -0.20 1.44 -27.77
C SER A 152 -1.50 1.90 -28.40
N ARG A 153 -2.63 1.62 -27.73
CA ARG A 153 -3.92 1.99 -28.25
C ARG A 153 -4.60 3.11 -27.47
N THR A 154 -3.87 3.59 -26.44
CA THR A 154 -4.52 4.63 -25.57
C THR A 154 -4.01 6.03 -25.81
N SER A 155 -4.89 7.04 -25.72
CA SER A 155 -4.56 8.41 -25.96
C SER A 155 -4.59 9.22 -24.62
N TYR A 156 -5.48 8.80 -23.73
CA TYR A 156 -5.66 9.61 -22.49
C TYR A 156 -5.82 8.62 -21.34
N VAL A 157 -5.35 9.01 -20.13
CA VAL A 157 -5.49 8.18 -18.95
C VAL A 157 -6.08 8.98 -17.76
N MET A 158 -6.98 8.37 -17.01
CA MET A 158 -7.46 9.03 -15.76
C MET A 158 -7.58 7.90 -14.77
N THR A 159 -6.79 7.87 -13.69
CA THR A 159 -6.92 6.81 -12.72
C THR A 159 -7.22 7.36 -11.31
N PHE A 160 -7.98 6.61 -10.54
CA PHE A 160 -8.40 6.97 -9.22
C PHE A 160 -7.92 5.93 -8.23
N LEU A 161 -7.39 6.44 -7.10
CA LEU A 161 -6.98 5.59 -6.01
C LEU A 161 -7.59 6.13 -4.73
N TRP A 162 -8.32 5.29 -3.99
CA TRP A 162 -8.83 5.63 -2.69
C TRP A 162 -8.08 4.79 -1.65
N SER A 163 -7.51 5.47 -0.65
CA SER A 163 -6.72 4.73 0.34
C SER A 163 -7.24 4.96 1.73
N LEU A 164 -7.33 3.87 2.51
CA LEU A 164 -7.68 3.93 3.92
C LEU A 164 -6.49 3.37 4.71
N ASN A 165 -6.12 4.11 5.74
CA ASN A 165 -5.02 3.65 6.57
C ASN A 165 -5.39 3.92 8.02
N ALA A 166 -6.43 3.22 8.47
CA ALA A 166 -6.97 3.40 9.81
C ALA A 166 -6.32 2.57 10.90
N GLY A 167 -6.48 3.03 12.13
CA GLY A 167 -5.91 2.32 13.26
C GLY A 167 -6.72 1.09 13.55
N LEU A 168 -8.01 1.20 13.27
CA LEU A 168 -8.91 0.11 13.48
C LEU A 168 -9.82 0.00 12.29
N ALA A 169 -10.10 -1.24 11.87
CA ALA A 169 -10.98 -1.35 10.69
C ALA A 169 -12.32 -0.68 10.93
N PRO A 170 -12.89 -0.02 9.91
CA PRO A 170 -14.20 0.58 10.00
C PRO A 170 -15.27 -0.43 10.35
N GLU A 171 -15.21 -1.62 9.73
CA GLU A 171 -16.33 -2.57 9.84
C GLU A 171 -15.86 -3.91 10.42
N THR A 172 -16.85 -4.68 10.92
CA THR A 172 -16.55 -6.05 11.30
C THR A 172 -17.47 -7.01 10.55
N THR A 173 -18.30 -6.45 9.69
CA THR A 173 -19.29 -7.16 8.90
C THR A 173 -19.32 -6.59 7.48
N GLN A 174 -20.07 -7.24 6.60
CA GLN A 174 -20.22 -6.73 5.24
C GLN A 174 -21.09 -5.47 5.33
N ALA A 175 -20.78 -4.47 4.52
CA ALA A 175 -21.58 -3.22 4.51
C ALA A 175 -21.38 -2.61 3.12
N THR A 176 -22.36 -1.89 2.64
CA THR A 176 -22.24 -1.34 1.28
C THR A 176 -21.11 -0.31 1.24
N LEU A 177 -20.07 -0.64 0.45
CA LEU A 177 -19.03 0.41 0.38
C LEU A 177 -19.51 1.62 -0.40
N ILE A 178 -19.35 2.83 0.18
CA ILE A 178 -19.76 4.04 -0.55
C ILE A 178 -18.64 5.08 -0.30
N THR A 179 -18.04 5.60 -1.36
CA THR A 179 -17.05 6.67 -1.11
C THR A 179 -17.88 7.96 -1.26
N SER A 180 -17.68 8.90 -0.34
CA SER A 180 -18.45 10.14 -0.42
C SER A 180 -17.94 10.90 -1.65
N PRO A 181 -18.74 11.75 -2.24
CA PRO A 181 -18.37 12.41 -3.49
C PRO A 181 -17.06 13.19 -3.36
N PHE A 182 -16.24 13.00 -4.37
CA PHE A 182 -14.96 13.71 -4.50
C PHE A 182 -15.00 14.61 -5.72
N THR A 183 -14.72 15.90 -5.53
CA THR A 183 -14.73 16.80 -6.67
C THR A 183 -13.27 17.20 -6.95
N PHE A 184 -13.01 17.50 -8.22
CA PHE A 184 -11.67 17.83 -8.66
C PHE A 184 -11.80 18.63 -9.96
N SER A 185 -10.75 19.33 -10.34
CA SER A 185 -10.78 20.08 -11.60
C SER A 185 -9.44 19.88 -12.29
N TYR A 186 -9.43 19.90 -13.63
CA TYR A 186 -8.16 19.73 -14.35
C TYR A 186 -8.21 20.54 -15.63
N ILE A 187 -7.03 20.86 -16.20
CA ILE A 187 -6.92 21.56 -17.48
C ILE A 187 -7.28 20.60 -18.62
N ARG A 188 -8.21 21.05 -19.44
CA ARG A 188 -8.71 20.17 -20.50
C ARG A 188 -8.09 20.37 -21.90
N GLU A 189 -8.18 19.23 -22.61
CA GLU A 189 -7.77 19.29 -24.03
C GLU A 189 -8.76 20.09 -24.86
N ASP A 190 -8.24 20.61 -25.96
CA ASP A 190 -9.12 21.26 -26.94
C ASP A 190 -10.18 20.31 -27.53
N ASP A 191 -11.30 20.94 -27.91
CA ASP A 191 -12.34 20.13 -28.54
C ASP A 191 -11.78 19.69 -29.91
N VAL B 1 -2.69 -41.40 -34.62
CA VAL B 1 -2.98 -41.84 -33.27
C VAL B 1 -3.78 -40.77 -32.55
N LEU B 2 -4.96 -41.15 -32.06
CA LEU B 2 -5.86 -40.20 -31.41
C LEU B 2 -5.45 -40.02 -29.95
N ASP B 3 -5.51 -38.78 -29.50
CA ASP B 3 -5.10 -38.41 -28.14
C ASP B 3 -6.10 -38.82 -27.09
N ILE B 4 -5.60 -39.15 -25.91
CA ILE B 4 -6.45 -39.30 -24.73
C ILE B 4 -5.75 -38.63 -23.55
N ASN B 5 -6.52 -38.17 -22.59
CA ASN B 5 -6.00 -37.40 -21.46
C ASN B 5 -5.37 -38.30 -20.39
N ASP B 6 -4.28 -38.99 -20.76
CA ASP B 6 -3.76 -40.08 -19.94
C ASP B 6 -2.49 -39.72 -19.16
N ASN B 7 -2.29 -38.43 -18.93
CA ASN B 7 -1.26 -37.99 -17.98
C ASN B 7 -1.57 -36.59 -17.45
N GLU B 8 -1.36 -36.42 -16.14
CA GLU B 8 -1.80 -35.22 -15.45
C GLU B 8 -0.77 -34.10 -15.58
N PRO B 9 -1.18 -32.85 -15.31
CA PRO B 9 -0.22 -31.75 -15.27
C PRO B 9 0.64 -31.85 -14.03
N VAL B 10 1.94 -31.67 -14.20
CA VAL B 10 2.90 -31.78 -13.11
C VAL B 10 3.76 -30.53 -13.01
N PHE B 11 4.01 -30.08 -11.78
CA PHE B 11 4.76 -28.85 -11.56
C PHE B 11 6.24 -29.05 -11.81
N THR B 12 6.90 -27.99 -12.26
CA THR B 12 8.34 -28.03 -12.52
C THR B 12 9.12 -28.11 -11.21
N GLN B 13 8.47 -27.81 -10.10
CA GLN B 13 9.12 -27.84 -8.80
C GLN B 13 8.13 -28.22 -7.72
N ASP B 14 8.58 -28.98 -6.73
CA ASP B 14 7.74 -29.32 -5.58
C ASP B 14 7.49 -28.10 -4.69
N VAL B 15 8.38 -27.11 -4.78
CA VAL B 15 8.27 -25.89 -3.99
C VAL B 15 8.76 -24.65 -4.74
N PHE B 16 7.94 -23.60 -4.72
CA PHE B 16 8.27 -22.33 -5.34
C PHE B 16 8.50 -21.28 -4.26
N VAL B 17 9.40 -20.35 -4.53
CA VAL B 17 9.72 -19.29 -3.58
C VAL B 17 9.81 -17.94 -4.27
N GLY B 18 9.18 -16.96 -3.65
CA GLY B 18 9.19 -15.60 -4.16
C GLY B 18 9.20 -14.63 -3.00
N SER B 19 9.27 -13.34 -3.32
CA SER B 19 9.25 -12.31 -2.30
C SER B 19 8.59 -11.05 -2.86
N VAL B 20 7.89 -10.34 -1.99
CA VAL B 20 7.26 -9.07 -2.36
C VAL B 20 7.38 -8.13 -1.18
N GLU B 21 7.56 -6.86 -1.47
CA GLU B 21 7.74 -5.85 -0.44
C GLU B 21 6.41 -5.51 0.23
N GLU B 22 6.48 -5.12 1.50
CA GLU B 22 5.32 -4.65 2.24
C GLU B 22 4.72 -3.43 1.56
N LEU B 23 3.44 -3.20 1.82
CA LEU B 23 2.72 -2.02 1.33
C LEU B 23 2.79 -1.88 -0.20
N SER B 24 2.90 -3.01 -0.89
CA SER B 24 2.96 -3.00 -2.36
C SER B 24 1.65 -2.57 -2.97
N ALA B 25 1.72 -1.86 -4.09
CA ALA B 25 0.53 -1.47 -4.83
C ALA B 25 -0.24 -2.71 -5.25
N ALA B 26 -1.53 -2.54 -5.52
CA ALA B 26 -2.37 -3.65 -5.93
C ALA B 26 -1.78 -4.13 -7.26
N HIS B 27 -2.09 -5.39 -7.58
CA HIS B 27 -1.69 -6.17 -8.77
C HIS B 27 -0.28 -6.24 -9.12
N THR B 28 0.50 -6.16 -8.08
CA THR B 28 1.95 -6.21 -8.27
C THR B 28 2.36 -7.66 -8.41
N LEU B 29 3.08 -7.98 -9.47
CA LEU B 29 3.47 -9.35 -9.73
C LEU B 29 4.50 -9.79 -8.69
N VAL B 30 4.14 -10.83 -7.93
CA VAL B 30 5.04 -11.42 -6.94
C VAL B 30 5.97 -12.46 -7.58
N MET B 31 5.37 -13.43 -8.24
CA MET B 31 6.11 -14.55 -8.80
C MET B 31 5.22 -15.27 -9.81
N LYS B 32 5.65 -16.45 -10.25
CA LYS B 32 4.84 -17.27 -11.15
C LYS B 32 5.16 -18.76 -10.99
N ILE B 33 4.11 -19.56 -10.87
CA ILE B 33 4.26 -21.00 -10.77
C ILE B 33 4.08 -21.59 -12.15
N ASN B 34 4.58 -22.80 -12.37
CA ASN B 34 4.42 -23.44 -13.64
C ASN B 34 4.19 -24.93 -13.52
N ALA B 35 3.58 -25.48 -14.59
CA ALA B 35 3.34 -26.91 -14.75
C ALA B 35 3.33 -27.26 -16.25
N THR B 36 3.37 -28.57 -16.54
CA THR B 36 3.34 -29.06 -17.92
C THR B 36 2.43 -30.26 -18.09
N ASP B 37 1.83 -30.37 -19.28
CA ASP B 37 0.96 -31.48 -19.64
C ASP B 37 1.40 -32.06 -20.98
N ALA B 38 1.79 -33.34 -20.95
CA ALA B 38 2.40 -33.96 -22.12
C ALA B 38 1.41 -34.31 -23.23
N ASP B 39 0.12 -34.13 -22.97
CA ASP B 39 -0.89 -34.50 -23.96
C ASP B 39 -0.90 -33.55 -25.17
N GLU B 40 -1.82 -33.78 -26.08
CA GLU B 40 -1.86 -33.04 -27.34
C GLU B 40 -1.98 -31.55 -27.03
N PRO B 41 -1.02 -30.73 -27.53
CA PRO B 41 -1.04 -29.28 -27.29
C PRO B 41 -2.29 -28.60 -27.85
N ASN B 42 -2.61 -27.46 -27.25
CA ASN B 42 -3.78 -26.68 -27.58
C ASN B 42 -5.06 -27.50 -27.83
N THR B 43 -5.35 -28.27 -26.78
CA THR B 43 -6.54 -29.11 -26.61
C THR B 43 -6.76 -29.11 -25.11
N LEU B 44 -8.00 -29.39 -24.73
CA LEU B 44 -8.39 -29.37 -23.32
C LEU B 44 -7.58 -30.38 -22.52
N ASN B 45 -7.04 -31.38 -23.20
CA ASN B 45 -6.19 -32.38 -22.56
C ASN B 45 -4.88 -31.79 -22.03
N SER B 46 -4.56 -30.58 -22.48
CA SER B 46 -3.31 -29.92 -22.12
C SER B 46 -3.55 -28.53 -21.52
N LYS B 47 -4.81 -28.08 -21.47
CA LYS B 47 -5.12 -26.80 -20.84
C LYS B 47 -5.01 -26.92 -19.32
N ILE B 48 -4.04 -26.21 -18.75
CA ILE B 48 -3.83 -26.24 -17.32
C ILE B 48 -4.58 -25.10 -16.67
N SER B 49 -5.12 -25.37 -15.49
CA SER B 49 -5.83 -24.37 -14.71
C SER B 49 -5.28 -24.36 -13.30
N TYR B 50 -4.56 -23.28 -12.97
CA TYR B 50 -3.92 -23.13 -11.67
C TYR B 50 -4.89 -22.58 -10.62
N ARG B 51 -4.98 -23.25 -9.49
CA ARG B 51 -5.89 -22.85 -8.43
C ARG B 51 -5.22 -22.90 -7.07
N ILE B 52 -5.69 -22.08 -6.14
CA ILE B 52 -5.20 -22.09 -4.76
C ILE B 52 -6.05 -23.02 -3.90
N VAL B 53 -5.42 -24.06 -3.38
CA VAL B 53 -6.10 -25.03 -2.54
C VAL B 53 -6.33 -24.44 -1.16
N SER B 54 -5.24 -24.26 -0.43
CA SER B 54 -5.28 -23.69 0.92
C SER B 54 -4.27 -22.55 1.01
N LEU B 55 -4.36 -21.78 2.09
CA LEU B 55 -3.44 -20.66 2.31
C LEU B 55 -3.21 -20.47 3.79
N GLU B 56 -2.05 -19.90 4.14
CA GLU B 56 -1.72 -19.56 5.52
C GLU B 56 -1.20 -18.12 5.69
N PRO B 57 -1.82 -17.37 6.61
CA PRO B 57 -2.83 -17.80 7.58
C PRO B 57 -4.25 -17.79 7.03
N ALA B 58 -4.38 -18.00 5.71
CA ALA B 58 -5.68 -18.13 5.04
C ALA B 58 -6.41 -16.80 4.86
N TYR B 59 -6.75 -16.16 5.97
CA TYR B 59 -7.52 -14.93 5.92
C TYR B 59 -6.64 -13.78 6.43
N PRO B 60 -6.70 -12.59 5.76
CA PRO B 60 -7.54 -12.31 4.58
C PRO B 60 -6.76 -12.70 3.33
N PRO B 61 -7.41 -12.61 2.16
CA PRO B 61 -6.72 -12.98 0.93
C PRO B 61 -6.01 -11.79 0.30
N VAL B 62 -4.72 -11.95 0.03
CA VAL B 62 -3.92 -10.86 -0.51
C VAL B 62 -3.18 -11.33 -1.75
N PHE B 63 -3.55 -12.49 -2.26
CA PHE B 63 -2.91 -13.05 -3.44
C PHE B 63 -3.93 -13.62 -4.41
N TYR B 64 -3.80 -13.30 -5.68
CA TYR B 64 -4.70 -13.84 -6.68
C TYR B 64 -3.88 -14.64 -7.67
N LEU B 65 -4.28 -15.87 -7.90
CA LEU B 65 -3.53 -16.72 -8.80
C LEU B 65 -4.24 -16.87 -10.16
N ASN B 66 -3.68 -16.22 -11.19
CA ASN B 66 -4.24 -16.31 -12.55
C ASN B 66 -4.18 -17.81 -12.96
N LYS B 67 -5.35 -18.42 -13.10
CA LYS B 67 -5.43 -19.86 -13.38
C LYS B 67 -4.87 -20.22 -14.75
N ASP B 68 -4.83 -19.26 -15.67
CA ASP B 68 -4.38 -19.54 -17.02
C ASP B 68 -2.87 -19.38 -17.17
N THR B 69 -2.30 -18.38 -16.48
CA THR B 69 -0.87 -18.07 -16.63
C THR B 69 -0.01 -18.61 -15.47
N GLY B 70 -0.63 -18.79 -14.32
CA GLY B 70 0.09 -19.22 -13.13
C GLY B 70 0.72 -18.06 -12.38
N GLU B 71 0.61 -16.86 -12.94
CA GLU B 71 1.15 -15.67 -12.29
C GLU B 71 0.42 -15.37 -10.98
N ILE B 72 1.19 -14.99 -9.96
CA ILE B 72 0.62 -14.55 -8.69
C ILE B 72 0.79 -13.05 -8.52
N TYR B 73 -0.29 -12.37 -8.17
CA TYR B 73 -0.28 -10.93 -7.98
C TYR B 73 -0.75 -10.56 -6.60
N THR B 74 -0.51 -9.31 -6.25
CA THR B 74 -1.00 -8.77 -4.98
C THR B 74 -2.38 -8.18 -5.21
N THR B 75 -3.28 -8.37 -4.25
CA THR B 75 -4.66 -7.84 -4.25
C THR B 75 -4.80 -6.34 -3.83
N SER B 76 -6.03 -5.84 -3.68
CA SER B 76 -6.29 -4.44 -3.29
C SER B 76 -6.14 -4.30 -1.80
N VAL B 77 -5.95 -5.44 -1.15
CA VAL B 77 -5.74 -5.51 0.27
C VAL B 77 -4.24 -5.37 0.44
N THR B 78 -3.86 -4.42 1.28
CA THR B 78 -2.46 -4.12 1.50
C THR B 78 -1.69 -5.15 2.31
N LEU B 79 -0.44 -5.39 1.90
CA LEU B 79 0.40 -6.27 2.70
C LEU B 79 1.09 -5.53 3.85
N ASP B 80 1.06 -6.13 5.03
CA ASP B 80 1.72 -5.57 6.21
C ASP B 80 2.57 -6.63 6.87
N ARG B 81 3.89 -6.46 6.82
CA ARG B 81 4.82 -7.45 7.36
C ARG B 81 4.64 -7.65 8.86
N GLU B 82 4.25 -6.59 9.56
CA GLU B 82 4.04 -6.67 11.00
C GLU B 82 2.78 -7.47 11.32
N GLU B 83 1.89 -7.60 10.34
CA GLU B 83 0.72 -8.45 10.48
C GLU B 83 1.07 -9.91 10.15
N HIS B 84 1.70 -10.12 9.00
CA HIS B 84 2.16 -11.45 8.57
C HIS B 84 3.44 -11.37 7.75
N SER B 85 4.48 -12.00 8.27
CA SER B 85 5.81 -11.91 7.68
C SER B 85 5.99 -12.83 6.49
N SER B 86 5.52 -14.07 6.62
CA SER B 86 5.71 -15.07 5.58
C SER B 86 4.41 -15.80 5.29
N TYR B 87 4.12 -15.97 4.00
CA TYR B 87 2.95 -16.71 3.54
C TYR B 87 3.40 -18.04 2.93
N THR B 88 2.82 -19.14 3.43
CA THR B 88 3.03 -20.46 2.84
C THR B 88 1.72 -20.95 2.20
N LEU B 89 1.82 -21.37 0.95
CA LEU B 89 0.64 -21.56 0.12
C LEU B 89 0.69 -22.85 -0.72
N THR B 90 -0.37 -23.65 -0.63
CA THR B 90 -0.52 -24.87 -1.44
C THR B 90 -1.36 -24.66 -2.71
N VAL B 91 -0.75 -24.93 -3.86
CA VAL B 91 -1.41 -24.68 -5.14
C VAL B 91 -1.86 -25.99 -5.78
N GLU B 92 -2.42 -25.91 -6.98
CA GLU B 92 -3.01 -27.06 -7.65
C GLU B 92 -3.06 -26.82 -9.15
N ALA B 93 -2.89 -27.88 -9.93
CA ALA B 93 -2.97 -27.82 -11.39
C ALA B 93 -3.93 -28.88 -11.94
N ARG B 94 -4.94 -28.44 -12.70
CA ARG B 94 -5.98 -29.33 -13.17
C ARG B 94 -6.11 -29.40 -14.68
N ASP B 95 -6.60 -30.55 -15.14
CA ASP B 95 -6.70 -30.90 -16.56
C ASP B 95 -8.09 -30.61 -17.12
N GLY B 96 -8.18 -30.50 -18.43
CA GLY B 96 -9.46 -30.42 -19.10
C GLY B 96 -10.05 -29.01 -19.11
N ASN B 97 -11.22 -28.88 -18.50
CA ASN B 97 -11.95 -27.62 -18.49
C ASN B 97 -11.64 -26.82 -17.22
N GLY B 98 -10.78 -27.38 -16.37
CA GLY B 98 -10.42 -26.74 -15.12
C GLY B 98 -11.56 -26.76 -14.13
N GLU B 99 -12.28 -27.87 -14.07
CA GLU B 99 -13.40 -28.02 -13.14
C GLU B 99 -12.95 -28.74 -11.88
N VAL B 100 -13.26 -28.13 -10.74
CA VAL B 100 -12.85 -28.69 -9.45
C VAL B 100 -13.70 -29.91 -9.14
N THR B 101 -13.04 -31.07 -9.07
CA THR B 101 -13.70 -32.33 -8.77
C THR B 101 -13.09 -33.01 -7.55
N ASP B 102 -13.65 -34.16 -7.18
CA ASP B 102 -13.14 -34.92 -6.04
C ASP B 102 -11.93 -35.74 -6.42
N LYS B 103 -11.42 -35.51 -7.63
CA LYS B 103 -10.26 -36.23 -8.12
C LYS B 103 -8.97 -35.70 -7.48
N PRO B 104 -8.08 -36.60 -7.06
CA PRO B 104 -6.82 -36.14 -6.46
C PRO B 104 -5.81 -35.72 -7.52
N VAL B 105 -5.55 -34.42 -7.63
CA VAL B 105 -4.63 -33.91 -8.64
C VAL B 105 -3.31 -33.47 -8.01
N LYS B 106 -2.29 -33.29 -8.83
CA LYS B 106 -0.97 -32.90 -8.35
C LYS B 106 -1.00 -31.51 -7.74
N GLN B 107 -0.27 -31.34 -6.65
CA GLN B 107 -0.19 -30.05 -5.97
C GLN B 107 1.22 -29.77 -5.46
N ALA B 108 1.60 -28.49 -5.51
CA ALA B 108 2.89 -28.05 -5.00
C ALA B 108 2.68 -26.97 -3.93
N GLN B 109 3.76 -26.45 -3.38
CA GLN B 109 3.68 -25.39 -2.36
C GLN B 109 4.43 -24.14 -2.79
N VAL B 110 3.93 -22.99 -2.36
CA VAL B 110 4.58 -21.70 -2.58
C VAL B 110 4.89 -21.00 -1.25
N GLN B 111 6.08 -20.42 -1.16
CA GLN B 111 6.50 -19.69 0.04
C GLN B 111 6.88 -18.26 -0.32
N ILE B 112 6.02 -17.32 0.10
CA ILE B 112 6.27 -15.91 -0.13
C ILE B 112 6.74 -15.24 1.16
N ARG B 113 7.90 -14.60 1.08
CA ARG B 113 8.44 -13.85 2.19
C ARG B 113 8.12 -12.37 1.97
N ILE B 114 7.46 -11.76 2.95
CA ILE B 114 7.14 -10.33 2.90
C ILE B 114 8.32 -9.50 3.40
N LEU B 115 8.76 -8.57 2.55
CA LEU B 115 9.88 -7.71 2.87
C LEU B 115 9.47 -6.57 3.78
N ASP B 116 10.33 -6.32 4.76
CA ASP B 116 10.10 -5.30 5.75
C ASP B 116 10.59 -3.93 5.32
N VAL B 117 9.82 -2.92 5.69
CA VAL B 117 10.17 -1.53 5.40
C VAL B 117 10.10 -0.78 6.72
N ASN B 118 10.82 0.33 6.85
CA ASN B 118 10.73 1.08 8.11
C ASN B 118 9.48 1.95 8.12
N ASP B 119 8.40 1.39 8.66
CA ASP B 119 7.11 2.08 8.74
C ASP B 119 6.59 2.05 10.17
N ASN B 120 7.52 1.96 11.10
CA ASN B 120 7.18 2.02 12.52
C ASN B 120 8.21 2.83 13.33
N ILE B 121 7.70 3.87 14.00
CA ILE B 121 8.50 4.82 14.76
C ILE B 121 8.92 4.22 16.10
N PRO B 122 10.18 4.48 16.53
CA PRO B 122 10.63 3.96 17.82
C PRO B 122 9.88 4.56 19.00
N VAL B 123 9.85 3.84 20.12
CA VAL B 123 9.13 4.29 21.30
C VAL B 123 9.88 3.87 22.57
N VAL B 124 10.10 4.81 23.47
CA VAL B 124 10.83 4.54 24.71
C VAL B 124 9.94 3.81 25.71
N GLU B 125 10.34 2.66 26.23
CA GLU B 125 9.48 1.91 27.16
C GLU B 125 9.88 2.32 28.51
N ASN B 126 11.18 2.60 28.56
CA ASN B 126 11.81 3.04 29.75
C ASN B 126 10.74 3.83 30.47
N LYS B 127 10.17 3.16 31.48
CA LYS B 127 9.17 3.74 32.35
C LYS B 127 9.80 4.68 33.43
N VAL B 128 11.02 4.49 34.03
CA VAL B 128 11.62 5.60 34.94
C VAL B 128 12.89 6.40 34.49
N LEU B 129 12.69 7.46 33.71
CA LEU B 129 13.70 8.33 33.10
C LEU B 129 14.46 9.31 33.97
N GLU B 130 15.51 8.82 34.63
CA GLU B 130 16.35 9.72 35.42
C GLU B 130 17.76 9.15 35.52
N GLY B 131 18.74 9.97 35.15
CA GLY B 131 20.13 9.56 35.21
C GLY B 131 20.69 9.63 36.62
N MET B 132 21.80 8.94 36.85
CA MET B 132 22.39 8.89 38.16
C MET B 132 23.91 8.78 38.04
N VAL B 133 24.62 9.75 38.61
CA VAL B 133 26.07 9.75 38.65
C VAL B 133 26.56 10.26 39.98
N GLU B 134 27.80 9.95 40.30
CA GLU B 134 28.41 10.46 41.51
C GLU B 134 29.30 11.64 41.18
N GLU B 135 29.65 12.38 42.22
CA GLU B 135 30.59 13.47 42.09
C GLU B 135 31.99 12.92 41.80
N ASN B 136 32.74 13.69 41.01
CA ASN B 136 34.11 13.31 40.69
C ASN B 136 34.15 11.95 40.04
N GLN B 137 33.22 11.61 39.18
CA GLN B 137 33.32 10.33 38.47
C GLN B 137 33.50 10.59 36.99
N VAL B 138 34.04 9.62 36.27
CA VAL B 138 34.13 9.68 34.82
C VAL B 138 33.91 8.30 34.21
N ASN B 139 33.39 8.28 32.99
CA ASN B 139 33.16 7.02 32.29
C ASN B 139 32.27 6.07 33.08
N VAL B 140 31.08 6.55 33.44
CA VAL B 140 30.09 5.78 34.18
C VAL B 140 28.76 5.81 33.47
N GLU B 141 27.93 4.81 33.72
CA GLU B 141 26.62 4.70 33.08
C GLU B 141 25.62 5.65 33.73
N VAL B 142 25.15 6.60 32.95
CA VAL B 142 24.17 7.57 33.45
C VAL B 142 22.80 6.93 33.46
N THR B 143 22.37 6.46 32.29
CA THR B 143 21.13 5.72 32.19
C THR B 143 21.13 4.88 30.92
N ARG B 144 20.16 3.98 30.83
CA ARG B 144 19.94 3.17 29.64
C ARG B 144 18.53 3.41 29.12
N ILE B 145 18.43 4.01 27.95
CA ILE B 145 17.13 4.31 27.34
C ILE B 145 16.63 3.15 26.49
N LYS B 146 15.72 2.36 27.06
CA LYS B 146 15.17 1.18 26.38
C LYS B 146 14.13 1.62 25.35
N VAL B 147 14.31 1.18 24.11
CA VAL B 147 13.41 1.57 23.03
C VAL B 147 12.88 0.36 22.26
N PHE B 148 11.59 0.41 21.93
CA PHE B 148 10.91 -0.64 21.20
C PHE B 148 10.67 -0.20 19.76
N ASP B 149 10.79 -1.15 18.84
CA ASP B 149 10.47 -0.89 17.44
C ASP B 149 9.84 -2.13 16.82
N ALA B 150 8.73 -1.94 16.14
CA ALA B 150 7.96 -3.07 15.61
C ALA B 150 8.65 -3.72 14.41
N ASP B 151 9.41 -2.93 13.66
CA ASP B 151 10.00 -3.40 12.41
C ASP B 151 10.96 -4.58 12.63
N GLU B 152 11.51 -5.11 11.54
CA GLU B 152 12.28 -6.34 11.59
C GLU B 152 13.46 -6.24 12.54
N ILE B 153 13.42 -7.03 13.61
CA ILE B 153 14.47 -7.03 14.61
C ILE B 153 15.82 -7.28 13.97
N GLY B 154 16.78 -6.43 14.34
CA GLY B 154 18.15 -6.52 13.85
C GLY B 154 18.43 -5.54 12.73
N SER B 155 17.40 -5.21 11.97
CA SER B 155 17.59 -4.40 10.76
C SER B 155 17.75 -2.94 11.12
N ASP B 156 18.27 -2.16 10.17
CA ASP B 156 18.44 -0.72 10.35
C ASP B 156 17.08 -0.02 10.49
N ASN B 157 16.02 -0.74 10.11
CA ASN B 157 14.67 -0.23 10.31
C ASN B 157 14.24 -0.40 11.75
N TRP B 158 14.99 -1.17 12.52
CA TRP B 158 14.64 -1.46 13.90
C TRP B 158 15.65 -0.86 14.85
N LEU B 159 16.89 -0.77 14.38
CA LEU B 159 17.99 -0.26 15.19
C LEU B 159 17.74 1.18 15.63
N ALA B 160 17.73 1.39 16.94
CA ALA B 160 17.54 2.74 17.49
C ALA B 160 18.72 3.66 17.17
N ASN B 161 18.45 4.95 17.10
CA ASN B 161 19.47 5.95 16.75
C ASN B 161 19.17 7.27 17.47
N PHE B 162 20.20 7.94 17.96
CA PHE B 162 20.01 9.08 18.86
C PHE B 162 20.79 10.32 18.46
N THR B 163 20.24 11.46 18.86
CA THR B 163 20.85 12.77 18.65
C THR B 163 20.43 13.68 19.79
N PHE B 164 21.38 14.43 20.35
CA PHE B 164 21.08 15.38 21.42
C PHE B 164 20.35 16.56 20.84
N ALA B 165 19.22 16.93 21.45
CA ALA B 165 18.46 18.10 21.01
C ALA B 165 18.99 19.35 21.70
N SER B 166 19.09 19.27 23.02
CA SER B 166 19.64 20.34 23.82
C SER B 166 20.15 19.83 25.16
N GLY B 167 21.17 20.50 25.69
CA GLY B 167 21.62 20.25 27.06
C GLY B 167 23.02 19.66 27.14
N ASN B 168 23.59 19.33 25.98
CA ASN B 168 24.91 18.69 25.94
C ASN B 168 25.92 19.58 25.22
N GLU B 169 25.69 20.88 25.26
CA GLU B 169 26.60 21.82 24.63
C GLU B 169 27.91 21.88 25.41
N GLY B 170 27.87 21.42 26.66
CA GLY B 170 29.06 21.38 27.49
C GLY B 170 29.93 20.16 27.25
N GLY B 171 29.38 19.19 26.52
CA GLY B 171 30.14 18.00 26.19
C GLY B 171 30.38 17.10 27.40
N TYR B 172 29.35 16.98 28.23
CA TYR B 172 29.42 16.15 29.42
C TYR B 172 28.91 14.74 29.19
N PHE B 173 28.21 14.52 28.08
CA PHE B 173 27.59 13.22 27.79
C PHE B 173 27.93 12.68 26.40
N HIS B 174 27.97 11.35 26.31
CA HIS B 174 28.13 10.66 25.03
C HIS B 174 27.07 9.58 24.94
N ILE B 175 26.40 9.49 23.78
CA ILE B 175 25.39 8.47 23.58
C ILE B 175 25.69 7.54 22.40
N GLU B 176 25.38 6.26 22.58
CA GLU B 176 25.54 5.26 21.52
C GLU B 176 24.53 4.14 21.70
N THR B 177 24.07 3.57 20.59
CA THR B 177 23.06 2.52 20.64
C THR B 177 23.67 1.13 20.81
N ASP B 178 23.19 0.42 21.83
CA ASP B 178 23.56 -0.98 22.03
C ASP B 178 22.70 -1.87 21.11
N ALA B 179 23.30 -2.35 20.04
CA ALA B 179 22.56 -3.02 18.98
C ALA B 179 21.91 -4.34 19.44
N GLN B 180 22.30 -4.84 20.59
CA GLN B 180 21.79 -6.13 21.05
C GLN B 180 20.52 -5.98 21.90
N THR B 181 20.49 -4.94 22.73
CA THR B 181 19.32 -4.69 23.57
C THR B 181 18.53 -3.49 23.04
N ASN B 182 19.09 -2.83 22.04
CA ASN B 182 18.50 -1.62 21.49
C ASN B 182 18.29 -0.58 22.57
N GLU B 183 19.32 -0.41 23.40
CA GLU B 183 19.31 0.61 24.43
C GLU B 183 20.22 1.76 24.00
N GLY B 184 19.79 2.98 24.29
CA GLY B 184 20.63 4.15 24.13
C GLY B 184 21.50 4.27 25.36
N ILE B 185 22.80 4.04 25.19
CA ILE B 185 23.74 4.07 26.31
C ILE B 185 24.39 5.46 26.44
N VAL B 186 23.97 6.21 27.46
CA VAL B 186 24.57 7.51 27.74
C VAL B 186 25.52 7.40 28.92
N THR B 187 26.69 8.01 28.77
CA THR B 187 27.73 7.93 29.79
C THR B 187 28.42 9.27 30.02
N LEU B 188 28.95 9.46 31.22
CA LEU B 188 29.72 10.65 31.55
C LEU B 188 31.09 10.65 30.90
N ILE B 189 31.46 11.77 30.28
CA ILE B 189 32.80 11.93 29.73
C ILE B 189 33.48 13.15 30.36
N LYS B 190 32.98 13.55 31.52
CA LYS B 190 33.50 14.72 32.25
C LYS B 190 33.11 14.64 33.73
N GLU B 191 34.05 14.98 34.62
CA GLU B 191 33.74 15.04 36.04
C GLU B 191 32.82 16.20 36.37
N VAL B 192 31.97 16.00 37.37
CA VAL B 192 31.05 17.03 37.84
C VAL B 192 31.24 17.27 39.34
N ASP B 193 31.10 18.52 39.74
CA ASP B 193 31.20 18.92 41.13
C ASP B 193 29.79 19.16 41.70
N TYR B 194 29.45 18.43 42.74
CA TYR B 194 28.11 18.52 43.31
C TYR B 194 27.83 19.91 43.86
N GLU B 195 28.87 20.56 44.36
CA GLU B 195 28.71 21.83 45.05
C GLU B 195 28.50 22.98 44.08
N GLU B 196 29.01 22.84 42.85
CA GLU B 196 28.85 23.87 41.84
C GLU B 196 27.42 23.90 41.35
N MET B 197 26.78 22.74 41.45
CA MET B 197 25.34 22.63 41.25
C MET B 197 24.96 22.96 39.81
N LYS B 198 25.72 22.45 38.86
CA LYS B 198 25.37 22.61 37.44
C LYS B 198 24.17 21.74 37.11
N ASN B 199 23.27 22.26 36.28
CA ASN B 199 22.14 21.48 35.81
C ASN B 199 22.53 20.72 34.56
N LEU B 200 22.57 19.39 34.67
CA LEU B 200 23.06 18.56 33.59
C LEU B 200 21.93 17.89 32.84
N ASP B 201 20.70 18.27 33.13
CA ASP B 201 19.53 17.76 32.42
C ASP B 201 19.71 18.00 30.92
N PHE B 202 19.14 17.12 30.11
CA PHE B 202 19.29 17.21 28.67
C PHE B 202 18.16 16.49 27.95
N SER B 203 18.04 16.75 26.66
CA SER B 203 16.99 16.18 25.85
C SER B 203 17.59 15.52 24.61
N VAL B 204 16.89 14.51 24.12
CA VAL B 204 17.40 13.69 23.03
C VAL B 204 16.25 13.30 22.09
N ILE B 205 16.59 13.06 20.82
CA ILE B 205 15.62 12.66 19.82
C ILE B 205 15.90 11.26 19.32
N VAL B 206 14.86 10.43 19.24
CA VAL B 206 14.98 9.04 18.77
C VAL B 206 14.52 8.86 17.34
N ALA B 207 15.21 7.98 16.62
CA ALA B 207 14.84 7.67 15.25
C ALA B 207 15.42 6.30 14.88
N ASN B 208 15.36 5.95 13.59
CA ASN B 208 15.91 4.70 13.12
C ASN B 208 17.16 4.96 12.30
N LYS B 209 18.11 4.02 12.35
CA LYS B 209 19.36 4.14 11.61
C LYS B 209 19.08 4.37 10.13
N ALA B 210 18.11 3.64 9.60
CA ALA B 210 17.64 3.87 8.25
C ALA B 210 16.49 4.86 8.27
N ALA B 211 16.31 5.60 7.17
CA ALA B 211 15.26 6.60 7.10
C ALA B 211 13.89 5.92 7.21
N PHE B 212 12.88 6.70 7.57
CA PHE B 212 11.52 6.19 7.65
C PHE B 212 10.90 6.08 6.28
N HIS B 213 10.02 5.11 6.10
CA HIS B 213 9.33 4.90 4.82
C HIS B 213 8.47 6.10 4.51
N LYS B 214 8.34 6.38 3.22
CA LYS B 214 7.57 7.52 2.74
C LYS B 214 6.13 7.42 3.16
N SER B 215 5.73 6.24 3.59
CA SER B 215 4.38 6.04 4.03
C SER B 215 4.09 6.73 5.36
N ILE B 216 5.12 6.94 6.15
CA ILE B 216 4.97 7.41 7.52
C ILE B 216 5.60 8.80 7.76
N ARG B 217 6.40 9.32 6.84
CA ARG B 217 6.99 10.62 7.13
C ARG B 217 5.93 11.71 7.21
N SER B 218 6.29 12.78 7.91
CA SER B 218 5.42 13.94 8.14
C SER B 218 4.39 13.57 9.21
N LYS B 219 4.10 12.28 9.35
CA LYS B 219 3.20 11.80 10.39
C LYS B 219 4.04 11.66 11.66
N TYR B 220 5.37 11.79 11.48
CA TYR B 220 6.36 11.70 12.55
C TYR B 220 6.96 13.06 12.90
N LYS B 221 6.61 13.59 14.06
CA LYS B 221 7.16 14.86 14.49
C LYS B 221 8.23 14.60 15.54
N PRO B 222 9.50 14.90 15.24
CA PRO B 222 10.58 14.68 16.21
C PRO B 222 10.40 15.47 17.50
N THR B 223 9.97 14.79 18.55
CA THR B 223 9.72 15.42 19.83
C THR B 223 10.85 15.09 20.82
N PRO B 224 11.63 16.11 21.23
CA PRO B 224 12.73 15.84 22.17
C PRO B 224 12.27 15.22 23.49
N ILE B 225 12.98 14.18 23.94
CA ILE B 225 12.64 13.50 25.19
C ILE B 225 13.52 13.99 26.33
N PRO B 226 12.92 14.58 27.37
CA PRO B 226 13.73 15.14 28.44
C PRO B 226 14.19 14.07 29.41
N ILE B 227 15.43 14.22 29.89
CA ILE B 227 16.02 13.30 30.85
C ILE B 227 16.69 14.09 31.98
N LYS B 228 16.12 14.01 33.18
CA LYS B 228 16.72 14.63 34.35
C LYS B 228 17.86 13.76 34.86
N VAL B 229 18.90 14.41 35.37
CA VAL B 229 20.06 13.72 35.94
C VAL B 229 20.33 14.21 37.34
N LYS B 230 20.43 13.28 38.29
CA LYS B 230 20.66 13.62 39.68
C LYS B 230 22.09 13.29 40.02
N VAL B 231 22.69 14.07 40.91
CA VAL B 231 24.09 13.87 41.29
C VAL B 231 24.20 13.52 42.77
N LYS B 232 25.13 12.62 43.08
CA LYS B 232 25.37 12.16 44.44
C LYS B 232 26.50 12.97 45.07
N ASN B 233 26.28 13.44 46.29
CA ASN B 233 27.34 14.10 47.06
C ASN B 233 28.24 13.06 47.72
N VAL B 234 29.50 13.42 47.91
CA VAL B 234 30.46 12.56 48.61
C VAL B 234 31.31 13.36 49.57
N LYS B 235 31.56 12.83 50.76
CA LYS B 235 32.45 13.50 51.71
C LYS B 235 33.83 13.65 51.06
N GLU B 236 34.24 14.91 50.89
CA GLU B 236 35.50 15.23 50.20
C GLU B 236 36.54 15.82 51.15
N GLY B 237 36.08 16.39 52.25
CA GLY B 237 36.99 17.02 53.19
C GLY B 237 37.30 18.44 52.76
N ILE B 238 38.32 19.02 53.37
CA ILE B 238 38.60 20.44 53.20
C ILE B 238 39.19 20.79 51.84
#